data_1J9L
#
_entry.id   1J9L
#
_cell.length_a   114.724
_cell.length_b   114.724
_cell.length_c   77.543
_cell.angle_alpha   90.00
_cell.angle_beta   90.00
_cell.angle_gamma   120.00
#
_symmetry.space_group_name_H-M   'P 31 2 1'
#
loop_
_entity.id
_entity.type
_entity.pdbx_description
1 polymer 'STATIONARY PHASE SURVIVAL PROTEIN'
2 non-polymer 'CALCIUM ION'
3 non-polymer 'VANADATE ION'
4 non-polymer '4-(2-HYDROXYETHYL)-1-PIPERAZINE ETHANESULFONIC ACID'
5 water water
#
_entity_poly.entity_id   1
_entity_poly.type   'polypeptide(L)'
_entity_poly.pdbx_seq_one_letter_code
;MRILVTNDDGIQSKGIIVLAELLSEEHEVFVVAPDKERSATGHSITIHVPLWMKKVFISERVVAYSTTGTPADCVKLAYN
VVMDKRVDLIVSGVNRGPNMGMDILHSGTVSGAMEGAMMNIPSIAISSANYESPDFEGAARFLIDFLKEFDFSLLDPFTM
LNINVPAGEIKGWRFTRQSRRRWNDYFEERVSPFGEKYYWMMGEVIEDDDRDDVDYKAVREGYVSITPIHPFLTNEQCLK
KLREVYD
;
_entity_poly.pdbx_strand_id   A,B
#
loop_
_chem_comp.id
_chem_comp.type
_chem_comp.name
_chem_comp.formula
CA non-polymer 'CALCIUM ION' 'Ca 2'
EPE non-polymer '4-(2-HYDROXYETHYL)-1-PIPERAZINE ETHANESULFONIC ACID' 'C8 H18 N2 O4 S'
VO4 non-polymer 'VANADATE ION' 'O4 V -3'
#
# COMPACT_ATOMS: atom_id res chain seq x y z
N MET A 1 4.15 2.43 -16.61
CA MET A 1 3.70 2.28 -15.20
C MET A 1 3.93 3.59 -14.45
N ARG A 2 3.36 3.71 -13.24
CA ARG A 2 3.53 4.93 -12.45
C ARG A 2 4.81 4.82 -11.63
N ILE A 3 5.79 5.63 -11.97
CA ILE A 3 7.07 5.62 -11.28
C ILE A 3 7.34 6.86 -10.43
N LEU A 4 7.82 6.62 -9.21
CA LEU A 4 8.14 7.72 -8.33
C LEU A 4 9.65 7.84 -8.40
N VAL A 5 10.14 9.04 -8.73
CA VAL A 5 11.57 9.27 -8.83
C VAL A 5 11.93 10.25 -7.71
N THR A 6 13.00 9.95 -6.98
CA THR A 6 13.42 10.82 -5.91
C THR A 6 14.94 10.74 -5.83
N ASN A 7 15.54 11.46 -4.88
CA ASN A 7 16.99 11.44 -4.74
C ASN A 7 17.34 12.13 -3.42
N ASP A 8 18.62 12.36 -3.17
CA ASP A 8 18.99 13.02 -1.93
C ASP A 8 19.79 14.28 -2.14
N ASP A 9 20.11 14.58 -3.41
CA ASP A 9 20.89 15.77 -3.73
C ASP A 9 20.00 16.99 -3.94
N GLY A 10 18.74 16.75 -4.30
CA GLY A 10 17.84 17.86 -4.52
C GLY A 10 17.15 17.76 -5.86
N ILE A 11 15.92 18.26 -5.90
CA ILE A 11 15.13 18.23 -7.12
C ILE A 11 15.78 18.94 -8.31
N GLN A 12 16.79 19.77 -8.04
CA GLN A 12 17.46 20.49 -9.11
C GLN A 12 18.76 19.83 -9.53
N SER A 13 18.96 18.58 -9.13
CA SER A 13 20.17 17.85 -9.46
C SER A 13 20.14 17.26 -10.87
N LYS A 14 21.27 17.29 -11.56
CA LYS A 14 21.36 16.76 -12.91
C LYS A 14 21.07 15.26 -12.93
N GLY A 15 21.43 14.58 -11.84
CA GLY A 15 21.21 13.14 -11.78
C GLY A 15 19.74 12.74 -11.77
N ILE A 16 18.91 13.50 -11.08
CA ILE A 16 17.48 13.18 -11.02
C ILE A 16 16.76 13.68 -12.28
N ILE A 17 17.24 14.78 -12.86
CA ILE A 17 16.62 15.34 -14.06
C ILE A 17 16.74 14.39 -15.24
N VAL A 18 17.96 13.94 -15.51
CA VAL A 18 18.21 13.02 -16.61
C VAL A 18 17.38 11.75 -16.45
N LEU A 19 17.32 11.23 -15.22
CA LEU A 19 16.57 10.02 -14.95
C LEU A 19 15.06 10.19 -15.21
N ALA A 20 14.48 11.27 -14.68
CA ALA A 20 13.06 11.55 -14.86
C ALA A 20 12.67 11.71 -16.32
N GLU A 21 13.44 12.53 -17.03
CA GLU A 21 13.18 12.78 -18.45
C GLU A 21 13.22 11.51 -19.28
N LEU A 22 14.28 10.72 -19.13
CA LEU A 22 14.41 9.48 -19.88
C LEU A 22 13.28 8.49 -19.58
N LEU A 23 12.91 8.38 -18.31
CA LEU A 23 11.84 7.47 -17.91
C LEU A 23 10.46 7.95 -18.36
N SER A 24 10.30 9.27 -18.47
CA SER A 24 9.02 9.83 -18.88
C SER A 24 8.68 9.53 -20.34
N GLU A 25 9.62 8.96 -21.07
CA GLU A 25 9.39 8.64 -22.47
C GLU A 25 8.46 7.45 -22.64
N GLU A 26 8.35 6.62 -21.61
CA GLU A 26 7.49 5.45 -21.68
C GLU A 26 6.67 5.20 -20.41
N HIS A 27 6.88 6.03 -19.40
CA HIS A 27 6.14 5.86 -18.14
C HIS A 27 5.63 7.18 -17.58
N GLU A 28 4.64 7.08 -16.70
CA GLU A 28 4.06 8.27 -16.07
C GLU A 28 4.97 8.49 -14.86
N VAL A 29 5.81 9.52 -14.95
CA VAL A 29 6.74 9.85 -13.87
C VAL A 29 6.37 11.01 -12.97
N PHE A 30 6.54 10.77 -11.67
CA PHE A 30 6.26 11.76 -10.63
C PHE A 30 7.60 11.95 -9.92
N VAL A 31 7.95 13.19 -9.67
CA VAL A 31 9.20 13.49 -8.99
C VAL A 31 8.91 14.20 -7.66
N VAL A 32 9.37 13.60 -6.56
CA VAL A 32 9.15 14.19 -5.25
C VAL A 32 10.53 14.09 -4.62
N ALA A 33 11.20 15.22 -4.50
CA ALA A 33 12.53 15.23 -3.91
C ALA A 33 12.77 16.34 -2.92
N PRO A 34 13.88 16.24 -2.15
CA PRO A 34 14.23 17.24 -1.15
C PRO A 34 14.51 18.59 -1.78
N ASP A 35 14.19 19.66 -1.07
CA ASP A 35 14.40 21.01 -1.56
C ASP A 35 15.80 21.53 -1.23
N LYS A 36 16.68 20.63 -0.81
CA LYS A 36 18.05 20.99 -0.47
C LYS A 36 18.93 19.74 -0.33
N GLU A 37 20.20 19.95 -0.04
CA GLU A 37 21.16 18.86 0.12
C GLU A 37 20.74 17.89 1.22
N ARG A 38 20.73 16.61 0.89
CA ARG A 38 20.34 15.58 1.86
C ARG A 38 21.28 14.38 1.83
N SER A 39 22.49 14.57 1.32
CA SER A 39 23.45 13.48 1.28
C SER A 39 23.91 13.25 2.72
N ALA A 40 24.08 11.98 3.07
CA ALA A 40 24.52 11.58 4.41
C ALA A 40 23.39 11.74 5.44
N THR A 41 22.15 11.84 4.96
CA THR A 41 21.03 11.99 5.89
C THR A 41 20.50 10.64 6.38
N GLY A 42 21.01 9.55 5.81
CA GLY A 42 20.56 8.21 6.22
C GLY A 42 19.06 8.03 6.09
N HIS A 43 18.47 7.22 6.96
CA HIS A 43 17.03 6.98 6.91
C HIS A 43 16.26 7.83 7.89
N SER A 44 16.66 9.10 8.01
CA SER A 44 15.97 10.00 8.92
C SER A 44 14.61 10.38 8.36
N ILE A 45 13.66 10.69 9.24
CA ILE A 45 12.31 11.09 8.85
C ILE A 45 11.86 12.24 9.74
N THR A 46 10.91 13.03 9.25
CA THR A 46 10.40 14.16 10.01
C THR A 46 9.09 13.85 10.73
N ILE A 47 9.16 13.80 12.06
CA ILE A 47 7.98 13.49 12.87
C ILE A 47 7.68 14.58 13.91
N HIS A 48 8.67 15.41 14.24
CA HIS A 48 8.50 16.47 15.23
C HIS A 48 7.86 17.76 14.74
N VAL A 49 7.94 18.00 13.43
CA VAL A 49 7.35 19.19 12.85
C VAL A 49 6.65 18.85 11.54
N PRO A 50 5.79 19.75 11.04
CA PRO A 50 5.05 19.56 9.79
C PRO A 50 5.97 19.47 8.59
N LEU A 51 5.46 18.87 7.51
CA LEU A 51 6.21 18.72 6.27
C LEU A 51 5.50 19.61 5.26
N TRP A 52 6.27 20.18 4.32
CA TRP A 52 5.69 21.05 3.31
C TRP A 52 6.15 20.61 1.93
N MET A 53 5.34 20.93 0.91
CA MET A 53 5.67 20.57 -0.46
C MET A 53 5.46 21.77 -1.35
N LYS A 54 6.17 21.79 -2.48
CA LYS A 54 6.08 22.86 -3.43
C LYS A 54 6.08 22.29 -4.84
N LYS A 55 5.10 22.69 -5.65
CA LYS A 55 5.03 22.20 -7.01
C LYS A 55 6.16 22.89 -7.77
N VAL A 56 6.91 22.13 -8.54
CA VAL A 56 8.01 22.69 -9.31
C VAL A 56 8.00 22.15 -10.72
N PHE A 57 8.83 22.74 -11.58
CA PHE A 57 8.89 22.32 -12.98
C PHE A 57 10.20 21.60 -13.29
N ILE A 58 10.08 20.44 -13.92
CA ILE A 58 11.23 19.63 -14.30
C ILE A 58 11.13 19.38 -15.80
N SER A 59 9.95 18.92 -16.23
CA SER A 59 9.68 18.64 -17.63
C SER A 59 8.16 18.75 -17.83
N GLU A 60 7.76 19.28 -18.98
CA GLU A 60 6.33 19.44 -19.27
C GLU A 60 5.56 18.13 -19.23
N ARG A 61 6.27 17.01 -19.03
CA ARG A 61 5.63 15.72 -18.97
C ARG A 61 5.62 15.08 -17.57
N VAL A 62 6.43 15.60 -16.66
CA VAL A 62 6.48 15.05 -15.32
C VAL A 62 5.89 15.93 -14.23
N VAL A 63 5.20 15.32 -13.29
CA VAL A 63 4.59 16.04 -12.18
C VAL A 63 5.71 16.04 -11.13
N ALA A 64 6.15 17.22 -10.73
CA ALA A 64 7.22 17.32 -9.75
C ALA A 64 6.91 18.19 -8.55
N TYR A 65 7.44 17.78 -7.40
CA TYR A 65 7.26 18.48 -6.14
C TYR A 65 8.52 18.39 -5.31
N SER A 66 8.87 19.47 -4.62
CA SER A 66 10.05 19.48 -3.78
C SER A 66 9.43 19.49 -2.39
N THR A 67 10.13 18.97 -1.38
CA THR A 67 9.57 18.97 -0.04
C THR A 67 10.66 19.39 0.93
N THR A 68 10.24 19.80 2.13
CA THR A 68 11.16 20.23 3.17
C THR A 68 11.67 19.03 3.94
N GLY A 69 11.29 17.83 3.50
CA GLY A 69 11.75 16.65 4.20
C GLY A 69 12.91 15.87 3.63
N THR A 70 13.20 14.75 4.29
CA THR A 70 14.27 13.85 3.91
C THR A 70 13.83 12.95 2.75
N PRO A 71 14.77 12.18 2.18
CA PRO A 71 14.40 11.29 1.07
C PRO A 71 13.28 10.32 1.49
N ALA A 72 13.37 9.79 2.70
CA ALA A 72 12.33 8.86 3.17
C ALA A 72 11.00 9.63 3.29
N ASP A 73 11.07 10.88 3.74
CA ASP A 73 9.85 11.68 3.89
C ASP A 73 9.23 11.87 2.52
N CYS A 74 10.08 12.10 1.52
CA CYS A 74 9.62 12.30 0.16
C CYS A 74 8.81 11.13 -0.36
N VAL A 75 9.26 9.92 -0.07
CA VAL A 75 8.54 8.73 -0.53
C VAL A 75 7.20 8.62 0.17
N LYS A 76 7.20 8.80 1.49
CA LYS A 76 5.96 8.73 2.26
C LYS A 76 4.95 9.75 1.72
N LEU A 77 5.43 10.98 1.49
CA LEU A 77 4.57 12.05 0.97
C LEU A 77 4.10 11.72 -0.43
N ALA A 78 5.00 11.20 -1.26
CA ALA A 78 4.65 10.85 -2.63
C ALA A 78 3.53 9.81 -2.63
N TYR A 79 3.74 8.73 -1.90
CA TYR A 79 2.77 7.65 -1.79
C TYR A 79 1.41 8.05 -1.20
N ASN A 80 1.42 8.74 -0.06
CA ASN A 80 0.18 9.13 0.56
C ASN A 80 -0.50 10.40 0.04
N VAL A 81 0.27 11.37 -0.44
CA VAL A 81 -0.33 12.60 -0.93
C VAL A 81 -0.29 12.94 -2.42
N VAL A 82 0.84 12.68 -3.08
CA VAL A 82 0.94 13.00 -4.49
C VAL A 82 0.45 11.93 -5.47
N MET A 83 0.82 10.68 -5.23
CA MET A 83 0.40 9.61 -6.13
C MET A 83 -0.83 8.80 -5.76
N ASP A 84 -1.57 9.27 -4.76
CA ASP A 84 -2.77 8.59 -4.31
C ASP A 84 -2.59 7.09 -4.07
N LYS A 85 -1.50 6.72 -3.42
CA LYS A 85 -1.21 5.32 -3.13
C LYS A 85 -1.07 4.43 -4.36
N ARG A 86 -0.80 5.04 -5.52
CA ARG A 86 -0.64 4.28 -6.76
C ARG A 86 0.78 4.44 -7.27
N VAL A 87 1.67 3.58 -6.79
CA VAL A 87 3.08 3.60 -7.17
C VAL A 87 3.50 2.21 -7.61
N ASP A 88 3.95 2.07 -8.86
CA ASP A 88 4.37 0.77 -9.38
C ASP A 88 5.87 0.54 -9.16
N LEU A 89 6.62 1.63 -9.11
CA LEU A 89 8.05 1.52 -8.92
C LEU A 89 8.63 2.79 -8.36
N ILE A 90 9.64 2.63 -7.51
CA ILE A 90 10.30 3.76 -6.90
C ILE A 90 11.76 3.74 -7.33
N VAL A 91 12.27 4.86 -7.82
CA VAL A 91 13.66 4.94 -8.24
C VAL A 91 14.28 6.16 -7.59
N SER A 92 15.27 5.94 -6.75
CA SER A 92 15.95 7.03 -6.07
C SER A 92 17.34 7.17 -6.69
N GLY A 93 17.60 8.32 -7.31
CA GLY A 93 18.88 8.58 -7.95
C GLY A 93 18.68 9.53 -9.13
N VAL A 94 19.62 9.60 -10.06
CA VAL A 94 20.87 8.86 -10.05
C VAL A 94 21.78 9.66 -9.13
N ASN A 95 22.35 9.02 -8.12
CA ASN A 95 23.22 9.73 -7.21
C ASN A 95 24.60 9.99 -7.77
N ARG A 96 25.16 11.13 -7.40
CA ARG A 96 26.49 11.49 -7.86
C ARG A 96 27.45 10.84 -6.86
N GLY A 97 28.04 9.73 -7.25
CA GLY A 97 28.97 9.05 -6.36
C GLY A 97 28.44 7.68 -5.94
N PRO A 98 29.34 6.78 -5.52
CA PRO A 98 28.90 5.45 -5.13
C PRO A 98 28.23 5.36 -3.75
N ASN A 99 27.44 4.32 -3.59
CA ASN A 99 26.73 4.05 -2.35
C ASN A 99 26.93 2.55 -2.17
N MET A 100 28.08 2.19 -1.60
CA MET A 100 28.40 0.80 -1.37
C MET A 100 28.92 0.52 0.03
N GLY A 101 28.98 -0.75 0.38
CA GLY A 101 29.46 -1.14 1.70
C GLY A 101 28.59 -0.57 2.82
N MET A 102 29.24 -0.24 3.93
CA MET A 102 28.55 0.31 5.08
C MET A 102 28.01 1.72 4.86
N ASP A 103 28.47 2.39 3.80
CA ASP A 103 28.02 3.74 3.50
C ASP A 103 26.52 3.77 3.21
N ILE A 104 25.94 2.62 2.87
CA ILE A 104 24.51 2.63 2.58
C ILE A 104 23.67 3.00 3.79
N LEU A 105 24.22 2.86 5.00
CA LEU A 105 23.46 3.22 6.18
C LEU A 105 23.31 4.73 6.30
N HIS A 106 24.27 5.48 5.77
CA HIS A 106 24.21 6.96 5.83
C HIS A 106 23.60 7.52 4.54
N SER A 107 23.37 6.65 3.56
CA SER A 107 22.83 7.09 2.28
C SER A 107 21.37 7.54 2.18
N GLY A 108 21.19 8.78 1.75
CA GLY A 108 19.84 9.31 1.60
C GLY A 108 19.23 8.66 0.37
N THR A 109 20.07 8.37 -0.62
CA THR A 109 19.61 7.74 -1.85
C THR A 109 19.02 6.37 -1.52
N VAL A 110 19.79 5.57 -0.78
CA VAL A 110 19.32 4.23 -0.41
C VAL A 110 18.07 4.31 0.47
N SER A 111 18.05 5.28 1.38
CA SER A 111 16.91 5.44 2.28
C SER A 111 15.60 5.65 1.55
N GLY A 112 15.61 6.44 0.48
CA GLY A 112 14.39 6.68 -0.26
C GLY A 112 13.85 5.36 -0.78
N ALA A 113 14.74 4.58 -1.39
CA ALA A 113 14.37 3.27 -1.93
C ALA A 113 13.96 2.31 -0.84
N MET A 114 14.65 2.38 0.30
CA MET A 114 14.35 1.49 1.44
C MET A 114 12.95 1.77 1.99
N GLU A 115 12.52 3.02 1.93
CA GLU A 115 11.19 3.37 2.44
C GLU A 115 10.20 2.63 1.52
N GLY A 116 10.54 2.55 0.24
CA GLY A 116 9.68 1.87 -0.70
C GLY A 116 9.61 0.38 -0.35
N ALA A 117 10.78 -0.19 -0.07
CA ALA A 117 10.86 -1.61 0.28
C ALA A 117 10.01 -1.91 1.51
N MET A 118 10.05 -1.00 2.48
CA MET A 118 9.29 -1.18 3.72
C MET A 118 7.78 -1.22 3.46
N MET A 119 7.37 -0.73 2.29
CA MET A 119 5.97 -0.71 1.90
C MET A 119 5.71 -1.76 0.83
N ASN A 120 6.71 -2.61 0.60
CA ASN A 120 6.63 -3.66 -0.40
C ASN A 120 6.34 -3.14 -1.80
N ILE A 121 6.97 -2.02 -2.14
CA ILE A 121 6.82 -1.41 -3.45
C ILE A 121 8.16 -1.70 -4.12
N PRO A 122 8.15 -2.18 -5.37
CA PRO A 122 9.42 -2.46 -6.06
C PRO A 122 10.25 -1.17 -5.99
N SER A 123 11.44 -1.23 -5.41
CA SER A 123 12.26 -0.03 -5.31
C SER A 123 13.73 -0.23 -5.70
N ILE A 124 14.30 0.82 -6.28
CA ILE A 124 15.68 0.79 -6.71
C ILE A 124 16.38 2.08 -6.30
N ALA A 125 17.61 1.94 -5.84
CA ALA A 125 18.44 3.06 -5.42
C ALA A 125 19.51 2.94 -6.51
N ILE A 126 19.78 4.01 -7.25
CA ILE A 126 20.78 3.94 -8.30
C ILE A 126 21.79 5.08 -8.21
N SER A 127 23.07 4.71 -8.31
CA SER A 127 24.17 5.65 -8.23
C SER A 127 25.23 5.47 -9.32
N SER A 128 25.83 6.59 -9.75
CA SER A 128 26.87 6.56 -10.77
C SER A 128 28.11 6.52 -9.87
N ALA A 129 28.79 5.38 -9.86
CA ALA A 129 30.00 5.18 -9.04
C ALA A 129 31.24 6.03 -9.25
N ASN A 130 31.07 7.34 -9.38
CA ASN A 130 32.21 8.22 -9.57
C ASN A 130 31.77 9.65 -9.30
N TYR A 131 32.08 10.13 -8.10
CA TYR A 131 31.72 11.48 -7.69
C TYR A 131 32.38 12.52 -8.59
N GLU A 132 33.68 12.37 -8.83
CA GLU A 132 34.43 13.29 -9.66
C GLU A 132 33.79 13.49 -11.03
N SER A 133 33.78 12.42 -11.82
CA SER A 133 33.20 12.46 -13.15
C SER A 133 32.12 11.40 -13.31
N PRO A 134 30.89 11.70 -12.89
CA PRO A 134 29.75 10.80 -12.97
C PRO A 134 29.15 10.74 -14.37
N ASP A 135 28.44 9.65 -14.66
CA ASP A 135 27.82 9.49 -15.97
C ASP A 135 26.33 9.19 -15.74
N PHE A 136 25.56 10.25 -15.53
CA PHE A 136 24.13 10.15 -15.29
C PHE A 136 23.34 9.49 -16.42
N GLU A 137 23.66 9.84 -17.67
CA GLU A 137 22.94 9.24 -18.81
C GLU A 137 23.20 7.75 -18.88
N GLY A 138 24.46 7.35 -18.77
CA GLY A 138 24.79 5.94 -18.83
C GLY A 138 24.04 5.13 -17.78
N ALA A 139 23.93 5.68 -16.58
CA ALA A 139 23.23 4.99 -15.51
C ALA A 139 21.74 4.92 -15.85
N ALA A 140 21.20 6.04 -16.29
CA ALA A 140 19.78 6.09 -16.64
C ALA A 140 19.49 5.13 -17.79
N ARG A 141 20.33 5.16 -18.82
CA ARG A 141 20.15 4.29 -19.97
C ARG A 141 20.15 2.84 -19.50
N PHE A 142 21.05 2.53 -18.57
CA PHE A 142 21.14 1.17 -18.04
C PHE A 142 19.84 0.76 -17.35
N LEU A 143 19.29 1.65 -16.54
CA LEU A 143 18.06 1.36 -15.83
C LEU A 143 16.94 1.04 -16.81
N ILE A 144 16.75 1.90 -17.81
CA ILE A 144 15.70 1.70 -18.82
C ILE A 144 15.78 0.27 -19.34
N ASP A 145 16.99 -0.14 -19.70
CA ASP A 145 17.21 -1.48 -20.21
C ASP A 145 16.95 -2.53 -19.15
N PHE A 146 17.38 -2.24 -17.92
CA PHE A 146 17.19 -3.16 -16.82
C PHE A 146 15.71 -3.43 -16.55
N LEU A 147 14.90 -2.38 -16.64
CA LEU A 147 13.46 -2.49 -16.42
C LEU A 147 12.77 -3.36 -17.47
N LYS A 148 13.33 -3.41 -18.66
CA LYS A 148 12.75 -4.20 -19.74
C LYS A 148 13.13 -5.68 -19.66
N GLU A 149 14.11 -6.01 -18.81
CA GLU A 149 14.52 -7.40 -18.69
C GLU A 149 14.44 -8.07 -17.32
N PHE A 150 14.35 -7.28 -16.26
CA PHE A 150 14.28 -7.86 -14.92
C PHE A 150 12.86 -8.17 -14.46
N ASP A 151 12.70 -9.31 -13.79
CA ASP A 151 11.39 -9.74 -13.29
C ASP A 151 11.33 -9.44 -11.80
N PHE A 152 10.63 -8.36 -11.45
CA PHE A 152 10.49 -7.95 -10.05
C PHE A 152 9.72 -8.91 -9.14
N SER A 153 9.03 -9.89 -9.73
CA SER A 153 8.27 -10.84 -8.93
C SER A 153 9.27 -11.71 -8.18
N LEU A 154 10.55 -11.59 -8.57
CA LEU A 154 11.62 -12.36 -7.96
C LEU A 154 12.12 -11.67 -6.68
N LEU A 155 11.68 -10.45 -6.46
CA LEU A 155 12.08 -9.70 -5.28
C LEU A 155 11.29 -10.18 -4.07
N ASP A 156 11.98 -10.65 -3.04
CA ASP A 156 11.32 -11.12 -1.83
C ASP A 156 10.65 -9.95 -1.11
N PRO A 157 9.77 -10.25 -0.15
CA PRO A 157 9.09 -9.18 0.59
C PRO A 157 10.11 -8.24 1.24
N PHE A 158 9.75 -6.96 1.34
CA PHE A 158 10.59 -5.92 1.93
C PHE A 158 12.00 -5.81 1.38
N THR A 159 12.18 -6.14 0.09
CA THR A 159 13.49 -6.08 -0.50
C THR A 159 13.59 -5.09 -1.66
N MET A 160 14.67 -4.32 -1.66
CA MET A 160 14.90 -3.33 -2.70
C MET A 160 16.24 -3.68 -3.36
N LEU A 161 16.56 -3.01 -4.45
CA LEU A 161 17.81 -3.23 -5.16
C LEU A 161 18.72 -2.02 -5.07
N ASN A 162 19.92 -2.19 -4.51
CA ASN A 162 20.88 -1.09 -4.40
C ASN A 162 21.78 -1.26 -5.62
N ILE A 163 21.68 -0.33 -6.56
CA ILE A 163 22.48 -0.40 -7.78
C ILE A 163 23.56 0.65 -7.96
N ASN A 164 24.76 0.20 -8.31
CA ASN A 164 25.90 1.09 -8.53
C ASN A 164 26.42 0.84 -9.94
N VAL A 165 26.37 1.89 -10.76
CA VAL A 165 26.81 1.83 -12.15
C VAL A 165 28.19 2.42 -12.42
N PRO A 166 29.06 1.66 -13.09
CA PRO A 166 30.41 2.15 -13.39
C PRO A 166 30.24 3.43 -14.20
N ALA A 167 31.11 4.41 -13.99
CA ALA A 167 31.02 5.67 -14.71
C ALA A 167 31.62 5.55 -16.12
N GLY A 168 32.58 4.65 -16.28
CA GLY A 168 33.20 4.46 -17.57
C GLY A 168 32.41 3.49 -18.43
N GLU A 169 33.00 2.33 -18.69
CA GLU A 169 32.34 1.32 -19.51
C GLU A 169 31.55 0.33 -18.66
N ILE A 170 30.36 -0.02 -19.15
CA ILE A 170 29.51 -0.96 -18.45
C ILE A 170 29.64 -2.28 -19.19
N LYS A 171 30.51 -3.16 -18.69
CA LYS A 171 30.73 -4.45 -19.31
C LYS A 171 29.53 -5.38 -19.15
N GLY A 172 28.73 -5.12 -18.12
CA GLY A 172 27.56 -5.93 -17.86
C GLY A 172 27.11 -5.76 -16.42
N TRP A 173 26.18 -6.60 -15.98
CA TRP A 173 25.70 -6.49 -14.61
C TRP A 173 25.83 -7.80 -13.86
N ARG A 174 25.93 -7.71 -12.54
CA ARG A 174 26.05 -8.91 -11.72
C ARG A 174 25.43 -8.67 -10.35
N PHE A 175 24.78 -9.71 -9.81
CA PHE A 175 24.15 -9.60 -8.51
C PHE A 175 25.27 -9.71 -7.49
N THR A 176 25.29 -8.77 -6.55
CA THR A 176 26.32 -8.74 -5.53
C THR A 176 25.76 -8.68 -4.12
N ARG A 177 26.66 -8.82 -3.16
CA ARG A 177 26.28 -8.76 -1.76
C ARG A 177 26.89 -7.45 -1.28
N GLN A 178 26.36 -6.88 -0.20
CA GLN A 178 26.91 -5.64 0.30
C GLN A 178 28.31 -5.94 0.84
N SER A 179 29.26 -5.06 0.57
CA SER A 179 30.62 -5.28 1.05
C SER A 179 30.74 -4.59 2.41
N ARG A 180 31.92 -4.62 3.00
CA ARG A 180 32.13 -3.99 4.30
C ARG A 180 32.95 -2.72 4.09
N ARG A 181 32.94 -2.22 2.85
CA ARG A 181 33.67 -1.01 2.49
C ARG A 181 33.26 0.08 3.48
N ARG A 182 34.25 0.78 4.03
CA ARG A 182 33.95 1.83 4.99
C ARG A 182 35.08 2.85 4.96
N TRP A 183 35.17 3.69 5.99
CA TRP A 183 36.23 4.69 5.99
C TRP A 183 37.09 4.83 7.24
N ASN A 184 38.34 5.23 7.02
CA ASN A 184 39.29 5.44 8.10
C ASN A 184 39.02 6.94 8.26
N ASP A 185 38.01 7.31 9.03
CA ASP A 185 37.74 8.73 9.19
C ASP A 185 38.34 9.35 10.44
N TYR A 186 38.58 10.65 10.35
CA TYR A 186 39.17 11.41 11.43
C TYR A 186 38.72 12.86 11.27
N PHE A 187 39.34 13.77 12.01
CA PHE A 187 38.96 15.16 11.90
C PHE A 187 40.11 16.12 11.68
N GLU A 188 39.85 17.13 10.87
CA GLU A 188 40.80 18.17 10.54
C GLU A 188 40.34 19.26 11.51
N GLU A 189 41.19 19.60 12.47
CA GLU A 189 40.83 20.63 13.45
C GLU A 189 41.27 22.03 13.05
N ARG A 190 40.37 23.01 13.21
CA ARG A 190 40.67 24.39 12.88
C ARG A 190 40.13 25.34 13.93
N VAL A 191 40.51 26.61 13.83
CA VAL A 191 40.06 27.61 14.80
C VAL A 191 39.27 28.71 14.10
N SER A 192 38.11 29.03 14.65
CA SER A 192 37.26 30.07 14.08
C SER A 192 37.75 31.47 14.46
N PRO A 193 37.11 32.51 13.88
CA PRO A 193 37.50 33.89 14.17
C PRO A 193 37.32 34.23 15.64
N PHE A 194 36.31 33.64 16.27
CA PHE A 194 36.05 33.91 17.68
C PHE A 194 36.78 32.98 18.66
N GLY A 195 37.88 32.39 18.19
CA GLY A 195 38.68 31.50 19.03
C GLY A 195 38.20 30.11 19.38
N GLU A 196 37.07 29.67 18.81
CA GLU A 196 36.56 28.34 19.12
C GLU A 196 36.97 27.39 18.01
N LYS A 197 37.48 26.22 18.38
CA LYS A 197 37.89 25.26 17.38
C LYS A 197 36.68 24.54 16.81
N TYR A 198 36.79 24.14 15.54
CA TYR A 198 35.71 23.43 14.89
C TYR A 198 36.29 22.22 14.19
N TYR A 199 35.46 21.24 13.88
CA TYR A 199 35.96 20.05 13.23
C TYR A 199 35.38 19.68 11.87
N TRP A 200 36.28 19.36 10.95
CA TRP A 200 35.92 18.97 9.58
C TRP A 200 36.11 17.47 9.49
N MET A 201 35.05 16.72 9.20
CA MET A 201 35.18 15.28 9.10
C MET A 201 35.95 14.97 7.81
N MET A 202 36.88 14.03 7.90
CA MET A 202 37.69 13.63 6.76
C MET A 202 37.90 12.13 6.81
N GLY A 203 38.45 11.56 5.75
CA GLY A 203 38.66 10.13 5.77
C GLY A 203 39.20 9.53 4.49
N GLU A 204 39.78 8.34 4.63
CA GLU A 204 40.35 7.60 3.51
C GLU A 204 39.54 6.31 3.44
N VAL A 205 39.15 5.91 2.24
CA VAL A 205 38.36 4.69 2.08
C VAL A 205 39.13 3.40 2.43
N ILE A 206 38.39 2.43 2.92
CA ILE A 206 38.95 1.14 3.29
C ILE A 206 38.28 0.06 2.45
N GLU A 207 39.07 -0.66 1.65
CA GLU A 207 38.53 -1.73 0.81
C GLU A 207 39.36 -2.94 1.23
N ASP A 208 38.81 -3.72 2.16
CA ASP A 208 39.49 -4.90 2.66
C ASP A 208 38.60 -6.13 2.68
N ASP A 209 37.62 -6.17 1.79
CA ASP A 209 36.72 -7.31 1.75
C ASP A 209 37.35 -8.47 1.01
N ASP A 210 37.36 -9.64 1.64
CA ASP A 210 37.94 -10.84 1.02
C ASP A 210 36.98 -11.50 0.03
N ARG A 211 35.69 -11.49 0.34
CA ARG A 211 34.70 -12.10 -0.53
C ARG A 211 34.86 -11.52 -1.94
N ASP A 212 34.64 -12.36 -2.95
CA ASP A 212 34.77 -11.93 -4.33
C ASP A 212 33.51 -11.35 -4.99
N ASP A 213 32.34 -11.68 -4.44
CA ASP A 213 31.10 -11.18 -5.01
C ASP A 213 30.49 -9.94 -4.36
N VAL A 214 31.34 -9.05 -3.83
CA VAL A 214 30.84 -7.82 -3.19
C VAL A 214 30.72 -6.66 -4.17
N ASP A 215 29.86 -5.71 -3.82
CA ASP A 215 29.60 -4.53 -4.65
C ASP A 215 30.74 -3.75 -5.29
N TYR A 216 31.67 -3.22 -4.50
CA TYR A 216 32.75 -2.45 -5.09
C TYR A 216 33.66 -3.23 -6.04
N LYS A 217 33.85 -4.52 -5.80
CA LYS A 217 34.70 -5.30 -6.69
C LYS A 217 34.08 -5.42 -8.07
N ALA A 218 32.75 -5.53 -8.12
CA ALA A 218 32.07 -5.65 -9.41
C ALA A 218 32.20 -4.34 -10.17
N VAL A 219 31.92 -3.23 -9.49
CA VAL A 219 32.01 -1.90 -10.10
C VAL A 219 33.41 -1.65 -10.62
N ARG A 220 34.39 -2.03 -9.81
CA ARG A 220 35.80 -1.85 -10.15
C ARG A 220 36.14 -2.54 -11.47
N GLU A 221 35.52 -3.70 -11.71
CA GLU A 221 35.76 -4.46 -12.94
C GLU A 221 34.89 -4.04 -14.11
N GLY A 222 34.18 -2.92 -13.95
CA GLY A 222 33.33 -2.44 -15.02
C GLY A 222 31.94 -3.06 -15.10
N TYR A 223 31.47 -3.65 -14.01
CA TYR A 223 30.14 -4.26 -14.03
C TYR A 223 29.20 -3.55 -13.07
N VAL A 224 27.93 -3.48 -13.45
CA VAL A 224 26.93 -2.84 -12.62
C VAL A 224 26.69 -3.74 -11.41
N SER A 225 26.78 -3.18 -10.22
CA SER A 225 26.57 -3.94 -8.99
C SER A 225 25.10 -3.80 -8.62
N ILE A 226 24.44 -4.94 -8.42
CA ILE A 226 23.03 -4.98 -8.06
C ILE A 226 22.90 -5.80 -6.79
N THR A 227 22.65 -5.12 -5.68
CA THR A 227 22.52 -5.77 -4.38
C THR A 227 21.12 -5.75 -3.81
N PRO A 228 20.56 -6.94 -3.54
CA PRO A 228 19.22 -7.00 -2.96
C PRO A 228 19.41 -6.80 -1.45
N ILE A 229 18.82 -5.75 -0.90
CA ILE A 229 18.94 -5.48 0.53
C ILE A 229 17.56 -5.29 1.14
N HIS A 230 17.46 -5.48 2.45
CA HIS A 230 16.19 -5.33 3.15
C HIS A 230 16.44 -4.71 4.52
N PRO A 231 15.39 -4.22 5.17
CA PRO A 231 15.57 -3.59 6.50
C PRO A 231 15.68 -4.54 7.69
N PHE A 232 16.60 -5.50 7.62
CA PHE A 232 16.80 -6.46 8.70
C PHE A 232 18.29 -6.50 8.99
N LEU A 233 18.68 -6.07 10.19
CA LEU A 233 20.07 -6.02 10.62
C LEU A 233 20.58 -7.10 11.56
N THR A 234 19.74 -8.08 11.88
CA THR A 234 20.15 -9.15 12.78
C THR A 234 21.36 -9.93 12.27
N ASN A 235 22.31 -10.19 13.16
CA ASN A 235 23.49 -10.95 12.81
C ASN A 235 23.08 -12.36 13.24
N GLU A 236 22.56 -13.15 12.30
CA GLU A 236 22.12 -14.51 12.60
C GLU A 236 23.19 -15.41 13.23
N GLN A 237 24.39 -15.41 12.66
CA GLN A 237 25.47 -16.22 13.19
C GLN A 237 25.69 -15.93 14.66
N CYS A 238 25.91 -14.66 14.98
CA CYS A 238 26.14 -14.25 16.36
C CYS A 238 24.97 -14.63 17.25
N LEU A 239 23.75 -14.46 16.76
CA LEU A 239 22.57 -14.79 17.54
C LEU A 239 22.65 -16.26 17.94
N LYS A 240 22.94 -17.11 16.96
CA LYS A 240 23.05 -18.56 17.18
C LYS A 240 24.05 -18.90 18.29
N LYS A 241 25.22 -18.26 18.24
CA LYS A 241 26.26 -18.50 19.24
C LYS A 241 25.81 -18.10 20.63
N LEU A 242 25.37 -16.85 20.79
CA LEU A 242 24.91 -16.36 22.09
C LEU A 242 23.80 -17.23 22.67
N ARG A 243 23.01 -17.85 21.80
CA ARG A 243 21.92 -18.71 22.23
C ARG A 243 22.45 -20.02 22.81
N GLU A 244 23.24 -20.74 22.02
CA GLU A 244 23.81 -22.01 22.45
C GLU A 244 24.84 -21.87 23.59
N VAL A 245 25.18 -20.64 23.94
CA VAL A 245 26.15 -20.40 25.01
C VAL A 245 25.47 -20.19 26.35
N TYR A 246 24.59 -19.20 26.43
CA TYR A 246 23.89 -18.91 27.68
C TYR A 246 22.72 -19.85 27.89
N ASP A 247 21.55 -19.49 27.38
CA ASP A 247 20.36 -20.32 27.52
C ASP A 247 20.52 -21.65 26.79
N MET B 1 -6.64 7.38 12.92
CA MET B 1 -7.17 7.43 11.53
C MET B 1 -8.56 8.07 11.46
N ARG B 2 -8.86 8.64 10.30
CA ARG B 2 -10.15 9.26 10.06
C ARG B 2 -10.90 8.09 9.44
N ILE B 3 -11.80 7.48 10.20
CA ILE B 3 -12.56 6.35 9.70
C ILE B 3 -14.03 6.61 9.43
N LEU B 4 -14.50 6.13 8.28
CA LEU B 4 -15.88 6.28 7.89
C LEU B 4 -16.53 4.92 8.10
N VAL B 5 -17.61 4.88 8.87
CA VAL B 5 -18.31 3.64 9.13
C VAL B 5 -19.71 3.71 8.54
N THR B 6 -20.09 2.69 7.78
CA THR B 6 -21.40 2.63 7.16
C THR B 6 -21.88 1.18 7.21
N ASN B 7 -23.06 0.91 6.64
CA ASN B 7 -23.61 -0.44 6.61
C ASN B 7 -24.81 -0.47 5.68
N ASP B 8 -25.53 -1.58 5.65
CA ASP B 8 -26.70 -1.67 4.79
C ASP B 8 -27.96 -2.00 5.58
N ASP B 9 -27.80 -2.17 6.89
CA ASP B 9 -28.91 -2.49 7.77
C ASP B 9 -29.53 -1.27 8.45
N GLY B 10 -28.98 -0.09 8.18
CA GLY B 10 -29.52 1.10 8.80
C GLY B 10 -28.71 1.54 10.02
N ILE B 11 -28.63 2.84 10.20
CA ILE B 11 -27.89 3.41 11.31
C ILE B 11 -28.39 2.99 12.69
N GLN B 12 -29.54 2.32 12.73
CA GLN B 12 -30.10 1.88 13.99
C GLN B 12 -29.78 0.42 14.32
N SER B 13 -28.94 -0.20 13.49
CA SER B 13 -28.56 -1.59 13.69
C SER B 13 -27.48 -1.72 14.77
N LYS B 14 -27.57 -2.77 15.59
CA LYS B 14 -26.59 -2.98 16.64
C LYS B 14 -25.21 -3.21 16.01
N GLY B 15 -25.22 -3.83 14.83
CA GLY B 15 -23.98 -4.11 14.13
C GLY B 15 -23.10 -2.92 13.84
N ILE B 16 -23.70 -1.79 13.48
CA ILE B 16 -22.90 -0.60 13.18
C ILE B 16 -22.58 0.21 14.43
N ILE B 17 -23.49 0.19 15.41
CA ILE B 17 -23.29 0.93 16.65
C ILE B 17 -22.09 0.39 17.43
N VAL B 18 -22.07 -0.93 17.67
CA VAL B 18 -20.97 -1.55 18.41
C VAL B 18 -19.65 -1.25 17.72
N LEU B 19 -19.65 -1.41 16.40
CA LEU B 19 -18.45 -1.15 15.61
C LEU B 19 -17.99 0.30 15.72
N ALA B 20 -18.93 1.24 15.58
CA ALA B 20 -18.59 2.65 15.66
C ALA B 20 -17.99 3.01 17.03
N GLU B 21 -18.60 2.51 18.09
CA GLU B 21 -18.13 2.80 19.44
C GLU B 21 -16.71 2.30 19.70
N LEU B 22 -16.44 1.03 19.40
CA LEU B 22 -15.10 0.48 19.61
C LEU B 22 -14.02 1.23 18.84
N LEU B 23 -14.27 1.51 17.57
CA LEU B 23 -13.28 2.22 16.76
C LEU B 23 -13.02 3.64 17.25
N SER B 24 -14.03 4.24 17.88
CA SER B 24 -13.89 5.60 18.39
C SER B 24 -12.94 5.72 19.59
N GLU B 25 -12.54 4.59 20.16
CA GLU B 25 -11.65 4.62 21.31
C GLU B 25 -10.25 5.12 20.96
N GLU B 26 -9.88 5.03 19.68
CA GLU B 26 -8.58 5.49 19.25
C GLU B 26 -8.51 6.02 17.83
N HIS B 27 -9.68 6.39 17.28
CA HIS B 27 -9.75 6.91 15.91
C HIS B 27 -10.85 7.96 15.77
N GLU B 28 -10.72 8.82 14.77
CA GLU B 28 -11.71 9.87 14.52
C GLU B 28 -12.77 9.18 13.67
N VAL B 29 -13.86 8.75 14.30
CA VAL B 29 -14.93 8.05 13.61
C VAL B 29 -16.16 8.85 13.18
N PHE B 30 -16.56 8.67 11.93
CA PHE B 30 -17.71 9.34 11.34
C PHE B 30 -18.63 8.23 10.81
N VAL B 31 -19.92 8.34 11.08
CA VAL B 31 -20.89 7.35 10.62
C VAL B 31 -21.94 7.92 9.68
N VAL B 32 -21.96 7.43 8.44
CA VAL B 32 -22.94 7.88 7.44
C VAL B 32 -23.57 6.58 6.94
N ALA B 33 -24.81 6.33 7.35
CA ALA B 33 -25.49 5.12 6.94
C ALA B 33 -26.93 5.31 6.49
N PRO B 34 -27.50 4.29 5.83
CA PRO B 34 -28.88 4.32 5.34
C PRO B 34 -29.87 4.46 6.49
N ASP B 35 -31.02 5.07 6.21
CA ASP B 35 -32.04 5.26 7.23
C ASP B 35 -33.06 4.11 7.23
N LYS B 36 -32.84 3.14 6.35
CA LYS B 36 -33.76 2.00 6.26
C LYS B 36 -33.05 0.72 5.84
N GLU B 37 -33.83 -0.32 5.60
CA GLU B 37 -33.32 -1.63 5.19
C GLU B 37 -32.77 -1.51 3.77
N ARG B 38 -31.49 -1.82 3.60
CA ARG B 38 -30.86 -1.75 2.29
C ARG B 38 -30.16 -3.03 1.86
N SER B 39 -30.58 -4.16 2.44
CA SER B 39 -29.98 -5.44 2.10
C SER B 39 -30.41 -5.90 0.71
N ALA B 40 -29.47 -6.48 -0.02
CA ALA B 40 -29.70 -6.98 -1.37
C ALA B 40 -29.85 -5.84 -2.38
N THR B 41 -29.34 -4.67 -2.05
CA THR B 41 -29.43 -3.52 -2.95
C THR B 41 -28.22 -3.44 -3.89
N GLY B 42 -27.26 -4.35 -3.71
CA GLY B 42 -26.09 -4.36 -4.57
C GLY B 42 -25.35 -3.02 -4.56
N HIS B 43 -24.75 -2.68 -5.69
CA HIS B 43 -24.02 -1.42 -5.76
C HIS B 43 -24.88 -0.33 -6.39
N SER B 44 -26.15 -0.26 -6.03
CA SER B 44 -27.00 0.77 -6.60
C SER B 44 -26.65 2.13 -5.99
N ILE B 45 -26.89 3.19 -6.76
CA ILE B 45 -26.62 4.55 -6.34
C ILE B 45 -27.81 5.43 -6.75
N THR B 46 -27.91 6.61 -6.15
CA THR B 46 -29.00 7.54 -6.44
C THR B 46 -28.56 8.72 -7.29
N ILE B 47 -28.98 8.71 -8.55
CA ILE B 47 -28.62 9.80 -9.47
C ILE B 47 -29.83 10.50 -10.08
N HIS B 48 -30.98 9.83 -10.10
CA HIS B 48 -32.20 10.43 -10.67
C HIS B 48 -32.97 11.36 -9.75
N VAL B 49 -32.74 11.27 -8.45
CA VAL B 49 -33.43 12.13 -7.50
C VAL B 49 -32.45 12.65 -6.46
N PRO B 50 -32.87 13.63 -5.65
CA PRO B 50 -32.01 14.19 -4.62
C PRO B 50 -31.76 13.25 -3.44
N LEU B 51 -30.65 13.47 -2.75
CA LEU B 51 -30.28 12.66 -1.60
C LEU B 51 -30.44 13.56 -0.39
N TRP B 52 -30.90 13.00 0.73
CA TRP B 52 -31.09 13.78 1.94
C TRP B 52 -30.32 13.17 3.09
N MET B 53 -29.87 14.01 4.01
CA MET B 53 -29.11 13.57 5.18
C MET B 53 -29.74 14.09 6.47
N LYS B 54 -29.58 13.32 7.54
CA LYS B 54 -30.13 13.69 8.84
C LYS B 54 -29.11 13.39 9.94
N LYS B 55 -28.75 14.41 10.72
CA LYS B 55 -27.79 14.25 11.80
C LYS B 55 -28.45 13.46 12.92
N VAL B 56 -27.85 12.34 13.30
CA VAL B 56 -28.40 11.51 14.36
C VAL B 56 -27.42 11.36 15.51
N PHE B 57 -27.82 10.66 16.56
CA PHE B 57 -26.97 10.45 17.72
C PHE B 57 -26.60 8.98 17.93
N ILE B 58 -25.30 8.71 18.03
CA ILE B 58 -24.81 7.36 18.25
C ILE B 58 -24.06 7.31 19.58
N SER B 59 -23.26 8.35 19.82
CA SER B 59 -22.46 8.48 21.04
C SER B 59 -21.50 9.65 20.84
N GLU B 60 -21.22 10.39 21.90
CA GLU B 60 -20.31 11.53 21.81
C GLU B 60 -19.02 11.12 21.13
N ARG B 61 -18.35 12.08 20.52
CA ARG B 61 -17.08 11.86 19.82
C ARG B 61 -17.34 11.27 18.43
N VAL B 62 -18.49 10.65 18.26
CA VAL B 62 -18.85 10.05 16.98
C VAL B 62 -19.89 10.87 16.21
N VAL B 63 -19.44 11.51 15.13
CA VAL B 63 -20.32 12.33 14.30
C VAL B 63 -21.08 11.37 13.39
N ALA B 64 -22.41 11.33 13.52
CA ALA B 64 -23.21 10.45 12.68
C ALA B 64 -24.37 11.10 11.94
N TYR B 65 -24.66 10.55 10.77
CA TYR B 65 -25.74 11.02 9.90
C TYR B 65 -26.38 9.84 9.20
N SER B 66 -27.69 9.93 8.97
CA SER B 66 -28.41 8.86 8.29
C SER B 66 -28.72 9.49 6.93
N THR B 67 -28.90 8.69 5.90
CA THR B 67 -29.21 9.27 4.59
C THR B 67 -30.33 8.48 3.96
N THR B 68 -30.93 9.06 2.92
CA THR B 68 -32.02 8.40 2.21
C THR B 68 -31.44 7.56 1.08
N GLY B 69 -30.11 7.49 1.01
CA GLY B 69 -29.48 6.71 -0.04
C GLY B 69 -29.00 5.30 0.29
N THR B 70 -28.28 4.72 -0.66
CA THR B 70 -27.72 3.38 -0.53
C THR B 70 -26.37 3.43 0.18
N PRO B 71 -25.80 2.26 0.51
CA PRO B 71 -24.49 2.30 1.19
C PRO B 71 -23.48 3.06 0.32
N ALA B 72 -23.51 2.81 -0.98
CA ALA B 72 -22.58 3.50 -1.87
C ALA B 72 -22.84 5.01 -1.84
N ASP B 73 -24.11 5.41 -1.74
CA ASP B 73 -24.44 6.84 -1.69
C ASP B 73 -23.84 7.42 -0.42
N CYS B 74 -23.97 6.68 0.68
CA CYS B 74 -23.45 7.10 1.98
C CYS B 74 -21.96 7.40 1.96
N VAL B 75 -21.19 6.53 1.29
CA VAL B 75 -19.76 6.73 1.21
C VAL B 75 -19.46 7.97 0.36
N LYS B 76 -20.18 8.16 -0.74
CA LYS B 76 -19.95 9.33 -1.58
C LYS B 76 -20.23 10.61 -0.78
N LEU B 77 -21.37 10.65 -0.11
CA LEU B 77 -21.77 11.81 0.69
C LEU B 77 -20.79 12.07 1.83
N ALA B 78 -20.40 11.00 2.53
CA ALA B 78 -19.46 11.12 3.64
C ALA B 78 -18.14 11.74 3.19
N TYR B 79 -17.62 11.24 2.08
CA TYR B 79 -16.36 11.73 1.52
C TYR B 79 -16.38 13.20 1.08
N ASN B 80 -17.43 13.62 0.39
CA ASN B 80 -17.52 15.00 -0.09
C ASN B 80 -18.16 16.07 0.79
N VAL B 81 -19.18 15.72 1.56
CA VAL B 81 -19.81 16.75 2.40
C VAL B 81 -19.64 16.60 3.89
N VAL B 82 -19.05 15.50 4.34
CA VAL B 82 -18.86 15.31 5.77
C VAL B 82 -17.42 15.20 6.24
N MET B 83 -16.58 14.49 5.49
CA MET B 83 -15.19 14.33 5.89
C MET B 83 -14.12 15.13 5.17
N ASP B 84 -14.52 16.24 4.55
CA ASP B 84 -13.58 17.09 3.84
C ASP B 84 -12.64 16.33 2.90
N LYS B 85 -13.14 15.25 2.29
CA LYS B 85 -12.34 14.45 1.36
C LYS B 85 -11.08 13.86 1.99
N ARG B 86 -11.10 13.69 3.29
CA ARG B 86 -9.96 13.13 4.01
C ARG B 86 -10.44 11.91 4.77
N VAL B 87 -10.27 10.74 4.16
CA VAL B 87 -10.68 9.48 4.75
C VAL B 87 -9.53 8.49 4.70
N ASP B 88 -9.13 7.96 5.84
CA ASP B 88 -8.03 7.01 5.88
C ASP B 88 -8.49 5.57 5.78
N LEU B 89 -9.73 5.31 6.22
CA LEU B 89 -10.27 3.95 6.17
C LEU B 89 -11.80 3.91 6.22
N ILE B 90 -12.37 2.99 5.47
CA ILE B 90 -13.81 2.82 5.42
C ILE B 90 -14.13 1.40 5.87
N VAL B 91 -15.10 1.27 6.76
CA VAL B 91 -15.51 -0.04 7.28
C VAL B 91 -17.02 -0.09 7.14
N SER B 92 -17.51 -1.09 6.41
CA SER B 92 -18.94 -1.28 6.18
C SER B 92 -19.37 -2.52 6.93
N GLY B 93 -20.26 -2.36 7.90
CA GLY B 93 -20.76 -3.47 8.68
C GLY B 93 -21.09 -2.96 10.08
N VAL B 94 -21.20 -3.84 11.08
CA VAL B 94 -21.02 -5.28 10.94
C VAL B 94 -22.34 -5.85 10.44
N ASN B 95 -22.31 -6.54 9.30
CA ASN B 95 -23.53 -7.11 8.75
C ASN B 95 -24.07 -8.33 9.47
N ARG B 96 -25.39 -8.41 9.53
CA ARG B 96 -26.03 -9.54 10.18
C ARG B 96 -26.17 -10.56 9.06
N GLY B 97 -25.30 -11.56 9.04
CA GLY B 97 -25.37 -12.57 8.00
C GLY B 97 -24.13 -12.57 7.11
N PRO B 98 -23.78 -13.72 6.52
CA PRO B 98 -22.60 -13.83 5.66
C PRO B 98 -22.76 -13.20 4.28
N ASN B 99 -21.63 -12.86 3.68
CA ASN B 99 -21.55 -12.26 2.36
C ASN B 99 -20.35 -12.94 1.72
N MET B 100 -20.60 -14.07 1.07
CA MET B 100 -19.56 -14.83 0.42
C MET B 100 -19.95 -15.32 -0.98
N GLY B 101 -18.95 -15.78 -1.73
CA GLY B 101 -19.21 -16.26 -3.08
C GLY B 101 -19.82 -15.18 -3.96
N MET B 102 -20.63 -15.60 -4.92
CA MET B 102 -21.28 -14.66 -5.82
C MET B 102 -22.29 -13.74 -5.15
N ASP B 103 -22.72 -14.09 -3.94
CA ASP B 103 -23.68 -13.27 -3.21
C ASP B 103 -23.11 -11.88 -2.93
N ILE B 104 -21.79 -11.73 -3.01
CA ILE B 104 -21.22 -10.42 -2.73
C ILE B 104 -21.65 -9.37 -3.74
N LEU B 105 -22.07 -9.81 -4.93
CA LEU B 105 -22.51 -8.86 -5.94
C LEU B 105 -23.81 -8.16 -5.60
N HIS B 106 -24.69 -8.78 -4.82
CA HIS B 106 -25.94 -8.10 -4.48
C HIS B 106 -25.91 -7.60 -3.04
N SER B 107 -24.75 -7.71 -2.40
CA SER B 107 -24.59 -7.29 -1.02
C SER B 107 -24.43 -5.78 -0.79
N GLY B 108 -25.33 -5.21 0.01
CA GLY B 108 -25.25 -3.78 0.29
C GLY B 108 -24.02 -3.50 1.15
N THR B 109 -23.71 -4.40 2.07
CA THR B 109 -22.55 -4.22 2.95
C THR B 109 -21.28 -4.15 2.13
N VAL B 110 -21.13 -5.09 1.20
CA VAL B 110 -19.94 -5.11 0.36
C VAL B 110 -19.89 -3.88 -0.54
N SER B 111 -21.05 -3.45 -1.03
CA SER B 111 -21.12 -2.28 -1.90
C SER B 111 -20.58 -1.01 -1.25
N GLY B 112 -20.82 -0.85 0.05
CA GLY B 112 -20.33 0.34 0.73
C GLY B 112 -18.82 0.36 0.69
N ALA B 113 -18.22 -0.76 1.04
CA ALA B 113 -16.77 -0.87 1.04
C ALA B 113 -16.22 -0.78 -0.38
N MET B 114 -16.94 -1.36 -1.34
CA MET B 114 -16.50 -1.34 -2.73
C MET B 114 -16.52 0.08 -3.30
N GLU B 115 -17.42 0.93 -2.81
CA GLU B 115 -17.45 2.30 -3.32
C GLU B 115 -16.17 2.96 -2.85
N GLY B 116 -15.74 2.59 -1.64
CA GLY B 116 -14.52 3.16 -1.10
C GLY B 116 -13.35 2.68 -1.96
N ALA B 117 -13.40 1.42 -2.38
CA ALA B 117 -12.33 0.88 -3.20
C ALA B 117 -12.32 1.62 -4.54
N MET B 118 -13.50 1.92 -5.07
CA MET B 118 -13.58 2.63 -6.34
C MET B 118 -12.94 4.01 -6.20
N MET B 119 -13.09 4.62 -5.03
CA MET B 119 -12.54 5.94 -4.75
C MET B 119 -11.08 5.81 -4.28
N ASN B 120 -10.59 4.58 -4.30
CA ASN B 120 -9.22 4.26 -3.90
C ASN B 120 -8.92 4.61 -2.44
N ILE B 121 -9.82 4.22 -1.55
CA ILE B 121 -9.64 4.47 -0.13
C ILE B 121 -9.62 3.08 0.53
N PRO B 122 -8.64 2.82 1.42
CA PRO B 122 -8.61 1.50 2.07
C PRO B 122 -10.01 1.24 2.61
N SER B 123 -10.58 0.09 2.27
CA SER B 123 -11.92 -0.26 2.72
C SER B 123 -12.08 -1.71 3.14
N ILE B 124 -12.97 -1.91 4.09
CA ILE B 124 -13.27 -3.22 4.63
C ILE B 124 -14.76 -3.44 4.80
N ALA B 125 -15.24 -4.61 4.39
CA ALA B 125 -16.66 -4.94 4.53
C ALA B 125 -16.56 -6.06 5.57
N ILE B 126 -17.32 -5.98 6.64
CA ILE B 126 -17.25 -7.02 7.65
C ILE B 126 -18.64 -7.53 7.99
N SER B 127 -18.77 -8.85 7.98
CA SER B 127 -20.03 -9.52 8.26
C SER B 127 -19.89 -10.63 9.30
N SER B 128 -20.93 -10.80 10.11
CA SER B 128 -20.95 -11.83 11.15
C SER B 128 -21.65 -12.95 10.37
N ALA B 129 -20.93 -14.04 10.12
CA ALA B 129 -21.44 -15.19 9.37
C ALA B 129 -22.59 -16.04 9.90
N ASN B 130 -23.41 -15.50 10.79
CA ASN B 130 -24.54 -16.27 11.31
C ASN B 130 -25.75 -15.34 11.43
N TYR B 131 -26.62 -15.37 10.43
CA TYR B 131 -27.81 -14.54 10.42
C TYR B 131 -28.73 -14.80 11.61
N GLU B 132 -29.00 -16.07 11.87
CA GLU B 132 -29.87 -16.45 12.98
C GLU B 132 -29.30 -15.99 14.31
N SER B 133 -28.01 -16.23 14.53
CA SER B 133 -27.37 -15.84 15.78
C SER B 133 -26.09 -15.04 15.52
N PRO B 134 -26.24 -13.76 15.11
CA PRO B 134 -25.07 -12.94 14.85
C PRO B 134 -24.28 -12.60 16.11
N ASP B 135 -23.01 -12.28 15.95
CA ASP B 135 -22.15 -11.93 17.07
C ASP B 135 -21.44 -10.64 16.67
N PHE B 136 -22.17 -9.54 16.78
CA PHE B 136 -21.66 -8.21 16.43
C PHE B 136 -20.44 -7.77 17.20
N GLU B 137 -20.47 -7.85 18.53
CA GLU B 137 -19.32 -7.43 19.31
C GLU B 137 -18.10 -8.27 18.98
N GLY B 138 -18.29 -9.58 18.84
CA GLY B 138 -17.19 -10.48 18.53
C GLY B 138 -16.54 -10.11 17.21
N ALA B 139 -17.36 -9.78 16.22
CA ALA B 139 -16.84 -9.42 14.91
C ALA B 139 -16.10 -8.09 15.00
N ALA B 140 -16.65 -7.15 15.75
CA ALA B 140 -16.02 -5.85 15.91
C ALA B 140 -14.70 -5.98 16.67
N ARG B 141 -14.68 -6.84 17.68
CA ARG B 141 -13.48 -7.06 18.48
C ARG B 141 -12.38 -7.64 17.60
N PHE B 142 -12.78 -8.54 16.69
CA PHE B 142 -11.82 -9.15 15.80
C PHE B 142 -11.19 -8.06 14.93
N LEU B 143 -12.04 -7.18 14.41
CA LEU B 143 -11.55 -6.10 13.57
C LEU B 143 -10.53 -5.23 14.28
N ILE B 144 -10.79 -4.90 15.54
CA ILE B 144 -9.86 -4.07 16.30
C ILE B 144 -8.50 -4.75 16.34
N ASP B 145 -8.48 -6.03 16.71
CA ASP B 145 -7.24 -6.79 16.77
C ASP B 145 -6.58 -6.90 15.40
N PHE B 146 -7.38 -7.11 14.36
CA PHE B 146 -6.88 -7.24 13.00
C PHE B 146 -6.12 -6.00 12.53
N LEU B 147 -6.70 -4.82 12.78
CA LEU B 147 -6.07 -3.58 12.37
C LEU B 147 -4.66 -3.40 12.92
N LYS B 148 -4.41 -3.94 14.11
CA LYS B 148 -3.09 -3.83 14.74
C LYS B 148 -2.11 -4.83 14.16
N GLU B 149 -2.63 -5.73 13.33
CA GLU B 149 -1.81 -6.76 12.72
C GLU B 149 -1.88 -6.79 11.18
N PHE B 150 -2.46 -5.77 10.57
CA PHE B 150 -2.55 -5.74 9.11
C PHE B 150 -1.83 -4.53 8.53
N ASP B 151 -0.97 -4.78 7.55
CA ASP B 151 -0.20 -3.73 6.87
C ASP B 151 -1.00 -3.25 5.67
N PHE B 152 -1.60 -2.06 5.75
CA PHE B 152 -2.38 -1.55 4.63
C PHE B 152 -1.61 -1.26 3.36
N SER B 153 -0.29 -1.24 3.41
CA SER B 153 0.46 -0.97 2.21
C SER B 153 0.34 -2.21 1.32
N LEU B 154 -0.08 -3.34 1.92
CA LEU B 154 -0.25 -4.60 1.18
C LEU B 154 -1.63 -4.67 0.51
N LEU B 155 -2.46 -3.67 0.78
CA LEU B 155 -3.80 -3.62 0.19
C LEU B 155 -3.64 -2.78 -1.07
N ASP B 156 -3.63 -3.44 -2.22
CA ASP B 156 -3.47 -2.77 -3.52
C ASP B 156 -4.45 -1.64 -3.79
N PRO B 157 -4.09 -0.76 -4.74
CA PRO B 157 -4.97 0.37 -5.08
C PRO B 157 -6.34 -0.19 -5.50
N PHE B 158 -7.39 0.57 -5.24
CA PHE B 158 -8.75 0.16 -5.60
C PHE B 158 -9.14 -1.20 -5.04
N THR B 159 -8.49 -1.64 -3.97
CA THR B 159 -8.83 -2.93 -3.42
C THR B 159 -9.41 -2.82 -2.01
N MET B 160 -10.30 -3.74 -1.67
CA MET B 160 -10.93 -3.77 -0.35
C MET B 160 -10.86 -5.18 0.22
N LEU B 161 -11.15 -5.29 1.52
CA LEU B 161 -11.11 -6.60 2.15
C LEU B 161 -12.55 -6.99 2.52
N ASN B 162 -12.98 -8.17 2.05
CA ASN B 162 -14.32 -8.66 2.36
C ASN B 162 -14.09 -9.65 3.48
N ILE B 163 -14.52 -9.30 4.67
CA ILE B 163 -14.33 -10.16 5.83
C ILE B 163 -15.59 -10.80 6.39
N ASN B 164 -15.50 -12.11 6.63
CA ASN B 164 -16.61 -12.88 7.19
C ASN B 164 -16.10 -13.55 8.46
N VAL B 165 -16.71 -13.18 9.58
CA VAL B 165 -16.35 -13.71 10.90
C VAL B 165 -17.30 -14.78 11.42
N PRO B 166 -16.78 -15.99 11.69
CA PRO B 166 -17.67 -17.03 12.21
C PRO B 166 -18.23 -16.58 13.56
N ALA B 167 -19.50 -16.90 13.81
CA ALA B 167 -20.15 -16.51 15.05
C ALA B 167 -19.59 -17.25 16.27
N GLY B 168 -19.33 -18.55 16.12
CA GLY B 168 -18.80 -19.33 17.22
C GLY B 168 -17.46 -18.87 17.75
N GLU B 169 -16.56 -19.81 17.98
CA GLU B 169 -15.24 -19.49 18.49
C GLU B 169 -14.30 -19.32 17.31
N ILE B 170 -13.58 -18.19 17.29
CA ILE B 170 -12.64 -17.90 16.21
C ILE B 170 -11.32 -18.66 16.42
N LYS B 171 -11.01 -19.57 15.51
CA LYS B 171 -9.78 -20.36 15.60
C LYS B 171 -8.58 -19.62 15.00
N GLY B 172 -8.88 -18.62 14.17
CA GLY B 172 -7.83 -17.84 13.53
C GLY B 172 -8.40 -17.20 12.27
N TRP B 173 -7.54 -16.68 11.42
CA TRP B 173 -8.01 -16.06 10.18
C TRP B 173 -7.17 -16.47 9.00
N ARG B 174 -7.80 -16.46 7.82
CA ARG B 174 -7.13 -16.84 6.59
C ARG B 174 -7.45 -15.89 5.45
N PHE B 175 -6.44 -15.64 4.60
CA PHE B 175 -6.63 -14.76 3.46
C PHE B 175 -7.18 -15.76 2.46
N THR B 176 -8.39 -15.48 2.01
CA THR B 176 -9.08 -16.33 1.06
C THR B 176 -9.40 -15.69 -0.29
N ARG B 177 -9.87 -16.51 -1.21
CA ARG B 177 -10.24 -16.03 -2.53
C ARG B 177 -11.76 -16.20 -2.54
N GLN B 178 -12.45 -15.43 -3.36
CA GLN B 178 -13.90 -15.52 -3.43
C GLN B 178 -14.26 -16.91 -3.98
N SER B 179 -15.28 -17.52 -3.40
CA SER B 179 -15.72 -18.85 -3.83
C SER B 179 -16.80 -18.65 -4.90
N ARG B 180 -17.27 -19.75 -5.49
CA ARG B 180 -18.31 -19.65 -6.49
C ARG B 180 -19.61 -20.07 -5.81
N ARG B 181 -19.66 -19.93 -4.49
CA ARG B 181 -20.87 -20.30 -3.74
C ARG B 181 -22.00 -19.44 -4.32
N ARG B 182 -23.08 -20.10 -4.69
CA ARG B 182 -24.23 -19.43 -5.28
C ARG B 182 -25.50 -20.16 -4.92
N TRP B 183 -26.61 -19.80 -5.55
CA TRP B 183 -27.87 -20.46 -5.23
C TRP B 183 -28.69 -20.93 -6.43
N ASN B 184 -29.40 -22.02 -6.21
CA ASN B 184 -30.25 -22.59 -7.24
C ASN B 184 -31.58 -21.97 -6.81
N ASP B 185 -31.85 -20.77 -7.30
CA ASP B 185 -33.08 -20.10 -6.95
C ASP B 185 -34.29 -20.71 -7.63
N TYR B 186 -35.46 -20.43 -7.08
CA TYR B 186 -36.72 -20.92 -7.61
C TYR B 186 -37.79 -20.09 -6.91
N PHE B 187 -39.02 -20.18 -7.38
CA PHE B 187 -40.08 -19.41 -6.78
C PHE B 187 -41.31 -20.21 -6.37
N GLU B 188 -41.92 -19.81 -5.27
CA GLU B 188 -43.13 -20.47 -4.78
C GLU B 188 -44.22 -19.56 -5.31
N GLU B 189 -45.22 -20.15 -5.97
CA GLU B 189 -46.31 -19.37 -6.53
C GLU B 189 -47.46 -19.27 -5.54
N ARG B 190 -48.06 -18.08 -5.46
CA ARG B 190 -49.19 -17.84 -4.57
C ARG B 190 -50.19 -16.95 -5.28
N VAL B 191 -51.38 -16.82 -4.70
CA VAL B 191 -52.40 -15.99 -5.31
C VAL B 191 -52.86 -14.90 -4.35
N SER B 192 -52.96 -13.68 -4.87
CA SER B 192 -53.38 -12.54 -4.08
C SER B 192 -54.88 -12.59 -3.83
N PRO B 193 -55.41 -11.64 -3.03
CA PRO B 193 -56.84 -11.59 -2.73
C PRO B 193 -57.62 -11.25 -3.99
N PHE B 194 -57.01 -10.46 -4.86
CA PHE B 194 -57.67 -10.07 -6.11
C PHE B 194 -57.42 -11.07 -7.24
N GLY B 195 -57.05 -12.29 -6.86
CA GLY B 195 -56.79 -13.34 -7.83
C GLY B 195 -55.52 -13.33 -8.66
N GLU B 196 -54.62 -12.38 -8.43
CA GLU B 196 -53.38 -12.36 -9.21
C GLU B 196 -52.27 -13.12 -8.51
N LYS B 197 -51.53 -13.91 -9.28
CA LYS B 197 -50.45 -14.69 -8.71
C LYS B 197 -49.20 -13.85 -8.49
N TYR B 198 -48.40 -14.23 -7.49
CA TYR B 198 -47.18 -13.52 -7.19
C TYR B 198 -46.14 -14.55 -6.82
N TYR B 199 -44.87 -14.17 -6.85
CA TYR B 199 -43.81 -15.12 -6.54
C TYR B 199 -42.84 -14.72 -5.44
N TRP B 200 -42.48 -15.72 -4.63
CA TRP B 200 -41.54 -15.53 -3.52
C TRP B 200 -40.23 -16.18 -3.93
N MET B 201 -39.14 -15.42 -3.92
CA MET B 201 -37.85 -15.98 -4.30
C MET B 201 -37.28 -16.83 -3.17
N MET B 202 -36.87 -18.04 -3.52
CA MET B 202 -36.31 -18.99 -2.57
C MET B 202 -35.10 -19.64 -3.25
N GLY B 203 -34.51 -20.63 -2.61
CA GLY B 203 -33.36 -21.28 -3.23
C GLY B 203 -32.58 -22.22 -2.35
N GLU B 204 -31.78 -23.06 -3.00
CA GLU B 204 -30.94 -24.04 -2.31
C GLU B 204 -29.51 -23.63 -2.62
N VAL B 205 -28.67 -23.54 -1.59
CA VAL B 205 -27.29 -23.15 -1.79
C VAL B 205 -26.48 -24.19 -2.55
N ILE B 206 -25.54 -23.71 -3.36
CA ILE B 206 -24.67 -24.57 -4.13
C ILE B 206 -23.25 -24.33 -3.66
N GLU B 207 -22.67 -25.33 -3.00
CA GLU B 207 -21.30 -25.21 -2.51
C GLU B 207 -20.54 -26.32 -3.20
N ASP B 208 -19.96 -26.01 -4.35
CA ASP B 208 -19.20 -26.99 -5.12
C ASP B 208 -17.80 -26.56 -5.48
N ASP B 209 -17.21 -25.68 -4.67
CA ASP B 209 -15.86 -25.20 -4.93
C ASP B 209 -14.89 -26.36 -4.67
N ASP B 210 -13.92 -26.55 -5.55
CA ASP B 210 -12.96 -27.63 -5.37
C ASP B 210 -11.74 -27.10 -4.62
N ARG B 211 -11.49 -25.80 -4.74
CA ARG B 211 -10.35 -25.19 -4.06
C ARG B 211 -10.59 -25.13 -2.56
N ASP B 212 -9.53 -25.32 -1.79
CA ASP B 212 -9.64 -25.28 -0.33
C ASP B 212 -9.51 -23.89 0.26
N ASP B 213 -8.90 -22.97 -0.48
CA ASP B 213 -8.70 -21.61 0.00
C ASP B 213 -9.83 -20.60 -0.28
N VAL B 214 -11.06 -21.07 -0.41
CA VAL B 214 -12.19 -20.17 -0.68
C VAL B 214 -12.86 -19.72 0.61
N ASP B 215 -13.53 -18.55 0.55
CA ASP B 215 -14.20 -18.00 1.71
C ASP B 215 -15.07 -18.87 2.61
N TYR B 216 -16.12 -19.49 2.07
CA TYR B 216 -16.99 -20.33 2.91
C TYR B 216 -16.35 -21.52 3.61
N LYS B 217 -15.31 -22.10 3.01
CA LYS B 217 -14.66 -23.25 3.64
C LYS B 217 -13.91 -22.81 4.90
N ALA B 218 -13.31 -21.62 4.87
CA ALA B 218 -12.56 -21.13 6.03
C ALA B 218 -13.57 -20.86 7.16
N VAL B 219 -14.66 -20.18 6.83
CA VAL B 219 -15.69 -19.86 7.82
C VAL B 219 -16.26 -21.14 8.42
N ARG B 220 -16.48 -22.13 7.55
CA ARG B 220 -17.03 -23.41 7.97
C ARG B 220 -16.11 -24.09 9.01
N GLU B 221 -14.82 -23.83 8.91
CA GLU B 221 -13.83 -24.41 9.83
C GLU B 221 -13.57 -23.58 11.08
N GLY B 222 -14.28 -22.47 11.24
CA GLY B 222 -14.09 -21.63 12.41
C GLY B 222 -13.02 -20.57 12.23
N TYR B 223 -12.73 -20.22 10.97
CA TYR B 223 -11.71 -19.21 10.70
C TYR B 223 -12.32 -18.00 10.02
N VAL B 224 -11.78 -16.83 10.32
CA VAL B 224 -12.28 -15.60 9.71
C VAL B 224 -11.77 -15.64 8.27
N SER B 225 -12.64 -15.33 7.32
CA SER B 225 -12.28 -15.32 5.91
C SER B 225 -11.99 -13.87 5.52
N ILE B 226 -10.84 -13.62 4.93
CA ILE B 226 -10.47 -12.27 4.51
C ILE B 226 -10.07 -12.30 3.03
N THR B 227 -10.97 -11.83 2.18
CA THR B 227 -10.74 -11.82 0.73
C THR B 227 -10.47 -10.44 0.13
N PRO B 228 -9.33 -10.29 -0.56
CA PRO B 228 -9.10 -8.97 -1.15
C PRO B 228 -9.85 -8.95 -2.48
N ILE B 229 -10.77 -7.99 -2.63
CA ILE B 229 -11.54 -7.89 -3.87
C ILE B 229 -11.46 -6.47 -4.42
N HIS B 230 -11.72 -6.33 -5.72
CA HIS B 230 -11.68 -5.02 -6.35
C HIS B 230 -12.73 -4.92 -7.46
N PRO B 231 -13.10 -3.68 -7.84
CA PRO B 231 -14.09 -3.40 -8.89
C PRO B 231 -13.62 -3.64 -10.32
N PHE B 232 -12.98 -4.77 -10.55
CA PHE B 232 -12.48 -5.14 -11.88
C PHE B 232 -12.99 -6.55 -12.13
N LEU B 233 -13.92 -6.68 -13.08
CA LEU B 233 -14.52 -7.97 -13.39
C LEU B 233 -14.03 -8.71 -14.62
N THR B 234 -12.98 -8.23 -15.26
CA THR B 234 -12.47 -8.90 -16.45
C THR B 234 -12.01 -10.33 -16.20
N ASN B 235 -12.44 -11.26 -17.06
CA ASN B 235 -12.04 -12.65 -16.91
C ASN B 235 -10.78 -12.67 -17.79
N GLU B 236 -9.62 -12.53 -17.15
CA GLU B 236 -8.33 -12.54 -17.84
C GLU B 236 -8.03 -13.77 -18.69
N GLN B 237 -8.26 -14.95 -18.11
CA GLN B 237 -8.01 -16.20 -18.82
C GLN B 237 -8.84 -16.26 -20.10
N CYS B 238 -10.11 -15.91 -19.99
CA CYS B 238 -11.00 -15.93 -21.14
C CYS B 238 -10.51 -14.94 -22.21
N LEU B 239 -10.19 -13.72 -21.80
CA LEU B 239 -9.71 -12.70 -22.73
C LEU B 239 -8.46 -13.17 -23.48
N LYS B 240 -7.55 -13.81 -22.76
CA LYS B 240 -6.32 -14.30 -23.38
C LYS B 240 -6.64 -15.33 -24.46
N LYS B 241 -7.51 -16.28 -24.14
CA LYS B 241 -7.88 -17.32 -25.11
C LYS B 241 -8.59 -16.69 -26.31
N LEU B 242 -9.46 -15.71 -26.05
CA LEU B 242 -10.21 -15.04 -27.10
C LEU B 242 -9.26 -14.30 -28.05
N ARG B 243 -8.23 -13.69 -27.50
CA ARG B 243 -7.27 -12.97 -28.33
C ARG B 243 -6.36 -13.89 -29.12
N GLU B 244 -6.19 -15.11 -28.64
CA GLU B 244 -5.32 -16.07 -29.34
C GLU B 244 -6.07 -16.61 -30.55
N VAL B 245 -7.36 -16.85 -30.39
CA VAL B 245 -8.18 -17.37 -31.47
C VAL B 245 -8.53 -16.31 -32.51
N TYR B 246 -8.83 -15.11 -32.04
CA TYR B 246 -9.18 -14.02 -32.93
C TYR B 246 -8.00 -13.07 -33.12
N ASP B 247 -6.92 -13.60 -33.71
CA ASP B 247 -5.71 -12.83 -33.95
C ASP B 247 -5.04 -12.38 -32.65
CA CA C . 24.01 12.56 -3.10
CA CA D . 35.29 4.69 10.12
V VO4 E . 24.35 9.53 -0.63
O1 VO4 E . 23.69 9.93 0.92
O2 VO4 E . 25.99 9.16 -0.91
O3 VO4 E . 22.95 8.77 -1.14
O4 VO4 E . 24.56 11.15 -1.26
CA CA F . -27.73 -6.71 5.87
V VO4 G . -26.16 -7.90 2.75
O1 VO4 G . -26.86 -6.91 1.51
O2 VO4 G . -26.18 -9.60 2.75
O3 VO4 G . -24.91 -6.83 3.01
O4 VO4 G . -27.42 -7.84 3.94
N1 EPE H . -32.48 -17.13 -0.65
C2 EPE H . -31.08 -17.49 -1.06
C3 EPE H . -30.39 -16.34 -1.79
N4 EPE H . -31.19 -15.72 -2.92
C5 EPE H . -32.55 -15.29 -2.40
C6 EPE H . -33.25 -16.51 -1.78
C7 EPE H . -30.48 -14.57 -3.57
C8 EPE H . -29.12 -15.01 -4.12
O8 EPE H . -29.11 -15.90 -5.20
C9 EPE H . -33.18 -18.33 -0.11
C10 EPE H . -34.06 -17.92 1.06
S EPE H . -34.92 -19.37 1.72
O1S EPE H . -35.72 -18.86 2.83
O2S EPE H . -35.50 -20.18 0.69
O3S EPE H . -33.70 -20.21 2.48
#